data_2Z5L
#
_entry.id   2Z5L
#
_cell.length_a   66.180
_cell.length_b   49.810
_cell.length_c   68.810
_cell.angle_alpha   90.00
_cell.angle_beta   109.20
_cell.angle_gamma   90.00
#
_symmetry.space_group_name_H-M   'P 1 21 1'
#
loop_
_entity.id
_entity.type
_entity.pdbx_description
1 polymer 'Tylactone synthase starter module and modules 1 & 2'
2 water water
#
_entity_poly.entity_id   1
_entity_poly.type   'polypeptide(L)'
_entity_poly.pdbx_seq_one_letter_code
;MGSSHHHHHHSSGLVPRGSHMSPTDAWRYRVTWKALTESSPVRPHSIGRCLLVAPPTTDGELLDGLTTVLSERGASVARL
EVPIGARRAEVAELLKPSMESAGEENTTVVSLLGLVPSTDAVRTSIALLQAVSDIGVPAARVWALTRRAVAVVPGETPQD
AGAQLWGFGRVAALELPDIWGGLIDLPETAELTRTPETSQPPQTPERLPQTPNRRALELAAAVLAGRDGEDQVAVRASGI
YGRRVSRAAAAGAASWQPSGTVLITGGMGAIGRRLARRLAAEGAERLVLTSRRGPEAPGAAELAEELRGHGCEVVHAACD
VAERDALAALVTAYPPNAVFHTAGILDDAVIDTLSPESFETVRGAKVCGAELLHQLTADIKGLDAFVLFSSVTGTWGNAG
QGAYAAANAALDALAERRRAAGLPATSVAWGLWGGGGMAAGAGEESLSRRGLRAMDPDAAVDALLGAMGRNDVCVTVVDV
DWERFAPATNAIRPGRLFDTVPEAREALTAA
;
_entity_poly.pdbx_strand_id   A
#
# COMPACT_ATOMS: atom_id res chain seq x y z
N SER A 22 0.37 -26.51 -6.21
CA SER A 22 -0.52 -26.12 -5.07
C SER A 22 -1.82 -25.53 -5.59
N PRO A 23 -2.95 -25.83 -4.91
CA PRO A 23 -4.25 -25.31 -5.33
C PRO A 23 -4.38 -23.81 -5.12
N THR A 24 -3.51 -23.25 -4.28
CA THR A 24 -3.54 -21.82 -4.02
C THR A 24 -2.68 -21.02 -4.99
N ASP A 25 -2.05 -21.68 -5.95
CA ASP A 25 -1.23 -20.96 -6.91
C ASP A 25 -2.09 -20.11 -7.86
N ALA A 26 -3.39 -20.38 -7.87
CA ALA A 26 -4.29 -19.61 -8.73
C ALA A 26 -4.70 -18.30 -8.04
N TRP A 27 -4.14 -18.05 -6.87
CA TRP A 27 -4.44 -16.85 -6.10
C TRP A 27 -3.25 -15.92 -6.07
N ARG A 28 -2.15 -16.33 -6.69
CA ARG A 28 -0.93 -15.54 -6.70
C ARG A 28 -0.83 -14.52 -7.84
N TYR A 29 -0.72 -13.25 -7.48
CA TYR A 29 -0.58 -12.19 -8.47
C TYR A 29 0.57 -11.26 -8.08
N ARG A 30 1.00 -10.43 -9.02
CA ARG A 30 2.09 -9.52 -8.75
C ARG A 30 1.98 -8.26 -9.60
N VAL A 31 2.82 -7.29 -9.31
CA VAL A 31 2.79 -6.04 -10.06
C VAL A 31 3.98 -5.93 -11.00
N THR A 32 3.67 -5.78 -12.27
CA THR A 32 4.68 -5.64 -13.31
C THR A 32 4.50 -4.31 -14.01
N TRP A 33 5.45 -3.99 -14.87
CA TRP A 33 5.41 -2.72 -15.60
C TRP A 33 5.41 -2.89 -17.12
N LYS A 34 4.27 -2.63 -17.75
CA LYS A 34 4.15 -2.76 -19.19
C LYS A 34 4.52 -1.44 -19.87
N ALA A 35 5.65 -1.43 -20.58
CA ALA A 35 6.11 -0.24 -21.28
C ALA A 35 5.08 0.18 -22.33
N LEU A 36 4.40 1.29 -22.07
CA LEU A 36 3.37 1.79 -22.96
C LEU A 36 3.97 2.40 -24.23
N GLY A 48 -5.65 21.61 -21.43
CA GLY A 48 -6.44 22.66 -20.81
C GLY A 48 -5.66 23.51 -19.82
N ARG A 49 -6.38 24.28 -19.01
CA ARG A 49 -5.74 25.13 -18.03
C ARG A 49 -5.28 24.32 -16.82
N CYS A 50 -3.96 24.23 -16.66
CA CYS A 50 -3.38 23.49 -15.55
C CYS A 50 -3.03 24.38 -14.39
N LEU A 51 -3.04 23.79 -13.20
CA LEU A 51 -2.67 24.48 -11.98
C LEU A 51 -1.58 23.64 -11.34
N LEU A 52 -0.35 24.15 -11.34
CA LEU A 52 0.74 23.42 -10.70
C LEU A 52 0.78 23.78 -9.24
N VAL A 53 0.53 22.81 -8.37
CA VAL A 53 0.56 22.99 -6.92
C VAL A 53 1.88 22.45 -6.41
N ALA A 54 2.63 23.25 -5.69
CA ALA A 54 3.91 22.82 -5.17
C ALA A 54 4.27 23.43 -3.82
N PRO A 55 5.14 22.76 -3.04
CA PRO A 55 5.56 23.25 -1.72
C PRO A 55 6.34 24.54 -1.89
N PRO A 56 6.41 25.36 -0.82
CA PRO A 56 7.11 26.65 -0.83
C PRO A 56 8.49 26.57 -1.51
N THR A 57 8.56 27.15 -2.71
CA THR A 57 9.80 27.17 -3.48
C THR A 57 10.46 25.80 -3.55
N THR A 58 9.70 24.81 -4.01
CA THR A 58 10.21 23.45 -4.12
C THR A 58 11.41 23.39 -5.07
N ASP A 59 11.33 24.14 -6.15
CA ASP A 59 12.39 24.18 -7.15
C ASP A 59 11.99 25.02 -8.36
N GLY A 60 12.60 26.20 -8.48
CA GLY A 60 12.29 27.09 -9.59
C GLY A 60 12.36 26.40 -10.94
N GLU A 61 13.35 25.53 -11.10
CA GLU A 61 13.52 24.79 -12.36
C GLU A 61 12.32 23.95 -12.75
N LEU A 62 12.00 22.96 -11.91
CA LEU A 62 10.88 22.06 -12.16
C LEU A 62 9.63 22.83 -12.59
N LEU A 63 9.18 23.77 -11.77
CA LEU A 63 7.99 24.55 -12.09
C LEU A 63 8.11 25.23 -13.44
N ASP A 64 9.28 25.79 -13.72
CA ASP A 64 9.55 26.47 -14.98
C ASP A 64 9.60 25.44 -16.12
N GLY A 65 10.13 24.27 -15.81
CA GLY A 65 10.22 23.20 -16.80
C GLY A 65 8.85 22.66 -17.17
N LEU A 66 8.02 22.37 -16.17
CA LEU A 66 6.67 21.83 -16.42
C LEU A 66 5.78 22.81 -17.16
N THR A 67 5.82 24.08 -16.76
CA THR A 67 5.01 25.12 -17.39
C THR A 67 5.24 25.12 -18.90
N THR A 68 6.50 25.07 -19.30
CA THR A 68 6.87 25.07 -20.72
C THR A 68 6.30 23.86 -21.45
N VAL A 69 6.62 22.67 -20.96
CA VAL A 69 6.15 21.43 -21.57
C VAL A 69 4.63 21.39 -21.70
N LEU A 70 3.94 21.77 -20.62
CA LEU A 70 2.48 21.77 -20.60
C LEU A 70 1.88 22.79 -21.59
N SER A 71 2.41 24.01 -21.58
CA SER A 71 1.93 25.06 -22.46
C SER A 71 2.09 24.66 -23.93
N GLU A 72 3.22 24.03 -24.24
CA GLU A 72 3.45 23.60 -25.61
C GLU A 72 2.46 22.51 -25.99
N ARG A 73 1.43 22.33 -25.18
CA ARG A 73 0.41 21.31 -25.43
C ARG A 73 -0.99 21.90 -25.34
N GLY A 74 -1.04 23.22 -25.40
CA GLY A 74 -2.32 23.92 -25.32
C GLY A 74 -2.80 23.99 -23.90
N ALA A 75 -1.88 24.27 -22.98
CA ALA A 75 -2.25 24.38 -21.58
C ALA A 75 -1.95 25.76 -21.06
N SER A 76 -2.86 26.28 -20.25
CA SER A 76 -2.70 27.59 -19.64
C SER A 76 -2.30 27.33 -18.19
N VAL A 77 -1.01 27.44 -17.92
CA VAL A 77 -0.47 27.17 -16.58
C VAL A 77 -0.55 28.31 -15.56
N ALA A 78 -0.85 27.95 -14.32
CA ALA A 78 -0.96 28.90 -13.22
C ALA A 78 -0.51 28.19 -11.95
N ARG A 79 0.67 28.52 -11.45
CA ARG A 79 1.20 27.88 -10.26
C ARG A 79 0.61 28.31 -8.91
N LEU A 80 0.55 27.37 -7.96
CA LEU A 80 0.04 27.66 -6.64
C LEU A 80 1.01 27.09 -5.59
N GLU A 81 1.10 27.74 -4.44
CA GLU A 81 1.98 27.27 -3.40
C GLU A 81 1.22 26.77 -2.16
N VAL A 82 1.43 25.50 -1.81
CA VAL A 82 0.80 24.93 -0.63
C VAL A 82 1.85 24.26 0.22
N PRO A 83 2.08 24.80 1.41
CA PRO A 83 3.08 24.24 2.32
C PRO A 83 2.72 22.85 2.87
N ILE A 84 3.75 22.04 3.05
CA ILE A 84 3.59 20.70 3.61
C ILE A 84 3.06 20.96 5.02
N GLY A 85 2.21 20.09 5.54
CA GLY A 85 1.67 20.33 6.86
C GLY A 85 0.31 21.03 6.77
N ALA A 86 0.05 21.71 5.65
CA ALA A 86 -1.24 22.41 5.49
C ALA A 86 -2.42 21.43 5.55
N ARG A 87 -3.46 21.83 6.29
CA ARG A 87 -4.68 21.01 6.46
C ARG A 87 -5.72 21.34 5.38
N ARG A 88 -6.69 20.44 5.17
CA ARG A 88 -7.70 20.61 4.13
C ARG A 88 -8.35 21.99 4.10
N ALA A 89 -8.79 22.45 5.26
CA ALA A 89 -9.43 23.76 5.34
C ALA A 89 -8.48 24.83 4.81
N GLU A 90 -7.20 24.73 5.12
CA GLU A 90 -6.24 25.72 4.64
C GLU A 90 -6.04 25.56 3.14
N VAL A 91 -5.86 24.33 2.70
CA VAL A 91 -5.65 24.08 1.28
C VAL A 91 -6.86 24.51 0.46
N ALA A 92 -8.06 24.28 0.98
CA ALA A 92 -9.26 24.71 0.26
C ALA A 92 -9.16 26.22 0.01
N GLU A 93 -8.78 26.97 1.05
CA GLU A 93 -8.64 28.44 0.94
C GLU A 93 -7.64 28.88 -0.12
N LEU A 94 -6.56 28.12 -0.29
CA LEU A 94 -5.55 28.45 -1.28
C LEU A 94 -5.99 28.12 -2.70
N LEU A 95 -6.77 27.05 -2.86
CA LEU A 95 -7.25 26.63 -4.17
C LEU A 95 -8.50 27.36 -4.63
N LYS A 96 -9.38 27.63 -3.67
CA LYS A 96 -10.67 28.28 -3.89
C LYS A 96 -10.70 29.32 -5.01
N PRO A 97 -9.83 30.33 -4.93
CA PRO A 97 -9.80 31.37 -5.97
C PRO A 97 -9.36 30.94 -7.39
N SER A 98 -8.44 29.99 -7.50
CA SER A 98 -7.96 29.50 -8.80
C SER A 98 -8.87 28.45 -9.46
N MET A 99 -9.63 27.72 -8.64
CA MET A 99 -10.54 26.67 -9.12
C MET A 99 -11.82 27.25 -9.68
N GLU A 100 -12.36 28.24 -8.98
CA GLU A 100 -13.59 28.88 -9.42
C GLU A 100 -13.35 29.86 -10.56
N SER A 101 -12.08 30.08 -10.87
CA SER A 101 -11.68 30.97 -11.95
C SER A 101 -11.88 30.31 -13.30
N ALA A 102 -12.17 29.01 -13.29
CA ALA A 102 -12.39 28.28 -14.53
C ALA A 102 -13.88 28.07 -14.78
N GLY A 103 -14.68 28.26 -13.75
CA GLY A 103 -16.12 28.08 -13.90
C GLY A 103 -16.43 26.69 -14.42
N GLU A 104 -17.12 26.62 -15.55
CA GLU A 104 -17.49 25.35 -16.15
C GLU A 104 -16.30 24.63 -16.74
N GLU A 105 -15.31 25.40 -17.16
CA GLU A 105 -14.10 24.83 -17.74
C GLU A 105 -13.44 23.87 -16.75
N ASN A 106 -12.68 22.91 -17.28
CA ASN A 106 -11.99 21.92 -16.46
C ASN A 106 -10.65 22.46 -15.99
N THR A 107 -10.34 22.21 -14.72
CA THR A 107 -9.07 22.64 -14.15
C THR A 107 -8.28 21.38 -13.84
N THR A 108 -7.18 21.18 -14.57
CA THR A 108 -6.36 20.03 -14.32
C THR A 108 -5.31 20.37 -13.27
N VAL A 109 -5.49 19.84 -12.05
CA VAL A 109 -4.57 20.10 -10.96
C VAL A 109 -3.38 19.13 -10.97
N VAL A 110 -2.18 19.69 -11.14
CA VAL A 110 -0.94 18.91 -11.15
C VAL A 110 -0.22 19.18 -9.84
N SER A 111 -0.24 18.20 -8.94
CA SER A 111 0.38 18.33 -7.63
C SER A 111 1.82 17.85 -7.56
N LEU A 112 2.69 18.71 -7.05
CA LEU A 112 4.09 18.37 -6.88
C LEU A 112 4.37 18.11 -5.39
N LEU A 113 3.32 18.09 -4.58
CA LEU A 113 3.50 17.87 -3.15
C LEU A 113 4.17 16.53 -2.87
N GLY A 114 3.93 15.55 -3.73
CA GLY A 114 4.51 14.23 -3.54
C GLY A 114 6.01 14.12 -3.79
N LEU A 115 6.63 15.18 -4.29
CA LEU A 115 8.07 15.13 -4.54
C LEU A 115 8.86 15.30 -3.26
N VAL A 116 8.16 15.63 -2.17
CA VAL A 116 8.79 15.80 -0.87
C VAL A 116 8.72 14.46 -0.13
N PRO A 117 9.89 13.84 0.13
CA PRO A 117 9.97 12.54 0.84
C PRO A 117 9.58 12.63 2.30
N SER A 118 8.29 12.68 2.58
CA SER A 118 7.85 12.74 3.97
C SER A 118 6.40 12.33 4.06
N THR A 119 6.02 11.80 5.21
CA THR A 119 4.65 11.39 5.41
C THR A 119 3.77 12.63 5.46
N ASP A 120 4.34 13.74 5.91
CA ASP A 120 3.60 14.99 5.97
C ASP A 120 3.11 15.34 4.58
N ALA A 121 3.95 15.00 3.60
CA ALA A 121 3.62 15.26 2.20
C ALA A 121 2.39 14.46 1.83
N VAL A 122 2.34 13.20 2.26
CA VAL A 122 1.21 12.32 2.00
C VAL A 122 -0.03 12.89 2.66
N ARG A 123 0.14 13.35 3.89
CA ARG A 123 -0.97 13.93 4.63
C ARG A 123 -1.49 15.16 3.89
N THR A 124 -0.58 16.03 3.47
CA THR A 124 -0.96 17.24 2.76
C THR A 124 -1.53 16.94 1.38
N SER A 125 -1.10 15.84 0.78
CA SER A 125 -1.57 15.44 -0.54
C SER A 125 -3.01 14.98 -0.41
N ILE A 126 -3.30 14.21 0.64
CA ILE A 126 -4.65 13.74 0.88
C ILE A 126 -5.52 14.97 1.11
N ALA A 127 -4.99 15.93 1.88
CA ALA A 127 -5.69 17.18 2.17
C ALA A 127 -6.02 17.95 0.87
N LEU A 128 -5.11 17.93 -0.10
CA LEU A 128 -5.32 18.61 -1.37
C LEU A 128 -6.52 18.02 -2.11
N LEU A 129 -6.58 16.70 -2.16
CA LEU A 129 -7.68 16.02 -2.84
C LEU A 129 -8.99 16.35 -2.15
N GLN A 130 -9.00 16.23 -0.83
CA GLN A 130 -10.17 16.53 -0.02
C GLN A 130 -10.69 17.94 -0.24
N ALA A 131 -9.74 18.86 -0.42
CA ALA A 131 -10.09 20.26 -0.62
C ALA A 131 -10.72 20.49 -1.99
N VAL A 132 -10.20 19.81 -3.00
CA VAL A 132 -10.72 19.94 -4.36
C VAL A 132 -12.16 19.46 -4.44
N SER A 133 -12.42 18.38 -3.70
CA SER A 133 -13.74 17.80 -3.65
C SER A 133 -14.66 18.77 -2.93
N ASP A 134 -14.17 19.35 -1.84
CA ASP A 134 -14.96 20.31 -1.06
C ASP A 134 -15.39 21.54 -1.88
N ILE A 135 -14.44 22.15 -2.58
CA ILE A 135 -14.73 23.33 -3.38
C ILE A 135 -15.84 23.07 -4.40
N GLY A 136 -16.07 21.80 -4.71
CA GLY A 136 -17.10 21.42 -5.65
C GLY A 136 -17.05 22.15 -6.98
N VAL A 137 -15.85 22.31 -7.53
CA VAL A 137 -15.67 22.97 -8.80
C VAL A 137 -15.91 21.96 -9.93
N PRO A 138 -17.01 22.12 -10.69
CA PRO A 138 -17.32 21.20 -11.79
C PRO A 138 -16.16 21.10 -12.77
N ALA A 139 -15.83 19.87 -13.15
CA ALA A 139 -14.73 19.61 -14.08
C ALA A 139 -13.37 19.88 -13.43
N ALA A 140 -12.67 18.80 -13.07
CA ALA A 140 -11.35 18.90 -12.46
C ALA A 140 -10.66 17.53 -12.43
N ARG A 141 -9.35 17.53 -12.68
CA ARG A 141 -8.58 16.29 -12.65
C ARG A 141 -7.35 16.48 -11.78
N VAL A 142 -7.20 15.61 -10.78
CA VAL A 142 -6.06 15.71 -9.88
C VAL A 142 -5.00 14.69 -10.24
N TRP A 143 -3.81 15.16 -10.57
CA TRP A 143 -2.73 14.27 -10.90
C TRP A 143 -1.62 14.45 -9.86
N ALA A 144 -1.17 13.34 -9.30
CA ALA A 144 -0.12 13.40 -8.30
C ALA A 144 1.20 12.92 -8.88
N LEU A 145 2.18 13.80 -8.91
CA LEU A 145 3.50 13.44 -9.42
C LEU A 145 4.36 13.00 -8.25
N THR A 146 5.21 12.01 -8.47
CA THR A 146 6.09 11.50 -7.43
C THR A 146 7.43 11.12 -8.05
N ARG A 147 8.34 10.66 -7.21
CA ARG A 147 9.68 10.27 -7.65
C ARG A 147 10.21 9.10 -6.82
N ARG A 148 10.65 8.05 -7.50
CA ARG A 148 11.18 6.88 -6.84
C ARG A 148 10.10 6.21 -5.99
N ALA A 149 8.85 6.46 -6.32
CA ALA A 149 7.73 5.88 -5.59
C ALA A 149 7.66 4.38 -5.85
N VAL A 150 7.99 3.98 -7.07
CA VAL A 150 7.94 2.58 -7.47
C VAL A 150 9.20 2.18 -8.22
N ALA A 151 9.68 0.95 -7.98
CA ALA A 151 10.87 0.44 -8.66
C ALA A 151 10.48 -0.28 -9.94
N VAL A 152 10.77 0.33 -11.09
CA VAL A 152 10.44 -0.25 -12.39
C VAL A 152 11.63 -0.90 -13.09
N VAL A 153 12.81 -0.33 -12.88
CA VAL A 153 14.05 -0.84 -13.49
C VAL A 153 15.02 -1.33 -12.41
N PRO A 154 15.91 -2.28 -12.76
CA PRO A 154 16.89 -2.83 -11.81
C PRO A 154 17.75 -1.77 -11.12
N GLY A 155 17.89 -1.89 -9.81
CA GLY A 155 18.69 -0.94 -9.07
C GLY A 155 17.89 0.02 -8.21
N GLU A 156 16.85 0.62 -8.80
CA GLU A 156 16.00 1.56 -8.07
C GLU A 156 15.06 0.84 -7.12
N THR A 157 14.79 1.47 -5.98
CA THR A 157 13.91 0.89 -4.98
C THR A 157 12.82 1.90 -4.65
N PRO A 158 11.68 1.41 -4.12
CA PRO A 158 10.55 2.27 -3.77
C PRO A 158 10.77 2.98 -2.43
N GLN A 159 10.69 4.30 -2.42
CA GLN A 159 10.87 5.03 -1.18
C GLN A 159 9.49 5.19 -0.51
N ASP A 160 9.46 5.14 0.82
CA ASP A 160 8.21 5.21 1.59
C ASP A 160 7.17 6.27 1.17
N ALA A 161 7.51 7.53 1.40
CA ALA A 161 6.62 8.65 1.07
C ALA A 161 5.91 8.46 -0.27
N GLY A 162 6.65 8.20 -1.34
CA GLY A 162 6.03 8.01 -2.64
C GLY A 162 5.15 6.77 -2.75
N ALA A 163 5.58 5.67 -2.15
CA ALA A 163 4.80 4.43 -2.20
C ALA A 163 3.43 4.59 -1.54
N GLN A 164 3.40 5.35 -0.45
CA GLN A 164 2.15 5.60 0.28
C GLN A 164 1.11 6.30 -0.58
N LEU A 165 1.55 7.33 -1.29
CA LEU A 165 0.68 8.14 -2.16
C LEU A 165 0.08 7.30 -3.28
N TRP A 166 0.86 6.40 -3.85
CA TRP A 166 0.32 5.57 -4.92
C TRP A 166 -0.78 4.71 -4.33
N GLY A 167 -0.54 4.23 -3.10
CA GLY A 167 -1.54 3.41 -2.44
C GLY A 167 -2.84 4.17 -2.27
N PHE A 168 -2.73 5.38 -1.74
CA PHE A 168 -3.89 6.23 -1.52
C PHE A 168 -4.52 6.66 -2.85
N GLY A 169 -3.65 6.93 -3.82
CA GLY A 169 -4.11 7.37 -5.12
C GLY A 169 -5.11 6.43 -5.76
N ARG A 170 -4.86 5.13 -5.65
CA ARG A 170 -5.73 4.09 -6.21
C ARG A 170 -7.10 4.05 -5.52
N VAL A 171 -7.13 4.44 -4.26
CA VAL A 171 -8.37 4.48 -3.51
C VAL A 171 -9.15 5.68 -4.01
N ALA A 172 -8.44 6.78 -4.28
CA ALA A 172 -9.08 8.01 -4.78
C ALA A 172 -9.78 7.77 -6.12
N ALA A 173 -9.14 6.99 -6.99
CA ALA A 173 -9.70 6.69 -8.31
C ALA A 173 -11.09 6.06 -8.21
N LEU A 174 -11.24 5.16 -7.23
CA LEU A 174 -12.49 4.44 -7.01
C LEU A 174 -13.54 5.22 -6.23
N GLU A 175 -13.07 6.08 -5.34
CA GLU A 175 -13.96 6.90 -4.53
C GLU A 175 -14.46 8.16 -5.21
N LEU A 176 -13.57 8.76 -5.99
CA LEU A 176 -13.83 9.99 -6.71
C LEU A 176 -13.40 9.86 -8.18
N PRO A 177 -14.04 8.99 -8.94
CA PRO A 177 -13.73 8.74 -10.36
C PRO A 177 -13.73 9.99 -11.26
N ASP A 178 -14.66 10.90 -11.00
CA ASP A 178 -14.79 12.11 -11.80
C ASP A 178 -13.81 13.20 -11.44
N ILE A 179 -13.13 13.04 -10.31
CA ILE A 179 -12.17 14.03 -9.84
C ILE A 179 -10.73 13.57 -9.95
N TRP A 180 -10.48 12.32 -9.56
CA TRP A 180 -9.13 11.79 -9.61
C TRP A 180 -8.60 11.58 -11.04
N GLY A 181 -7.42 12.13 -11.29
CA GLY A 181 -6.82 11.98 -12.60
C GLY A 181 -5.92 10.75 -12.65
N GLY A 182 -4.75 10.87 -12.00
CA GLY A 182 -3.81 9.76 -11.97
C GLY A 182 -2.52 10.05 -11.24
N LEU A 183 -1.63 9.05 -11.26
CA LEU A 183 -0.31 9.12 -10.62
C LEU A 183 0.77 8.96 -11.69
N ILE A 184 1.80 9.79 -11.62
CA ILE A 184 2.90 9.74 -12.59
C ILE A 184 4.23 9.80 -11.84
N ASP A 185 5.07 8.79 -12.04
CA ASP A 185 6.37 8.75 -11.35
C ASP A 185 7.50 9.29 -12.21
N LEU A 186 8.12 10.38 -11.76
CA LEU A 186 9.19 11.00 -12.50
C LEU A 186 10.56 10.37 -12.23
N PRO A 187 11.48 10.48 -13.20
CA PRO A 187 12.84 9.95 -13.13
C PRO A 187 13.64 10.50 -11.95
N GLU A 188 13.75 11.83 -11.90
CA GLU A 188 14.50 12.50 -10.84
C GLU A 188 15.93 11.99 -10.73
N ASN A 213 15.90 16.43 -18.04
CA ASN A 213 14.49 16.60 -17.74
C ASN A 213 13.70 17.03 -18.96
N ARG A 214 14.36 17.11 -20.12
CA ARG A 214 13.68 17.52 -21.35
C ARG A 214 12.57 16.55 -21.76
N ARG A 215 12.95 15.34 -22.13
CA ARG A 215 12.00 14.31 -22.58
C ARG A 215 11.18 13.77 -21.40
N ALA A 216 11.84 13.64 -20.25
CA ALA A 216 11.19 13.15 -19.04
C ALA A 216 9.93 13.98 -18.80
N LEU A 217 10.11 15.28 -18.63
CA LEU A 217 8.98 16.17 -18.41
C LEU A 217 8.01 16.07 -19.58
N GLU A 218 8.57 15.89 -20.78
CA GLU A 218 7.76 15.79 -21.98
C GLU A 218 6.80 14.61 -21.87
N LEU A 219 7.36 13.43 -21.62
CA LEU A 219 6.54 12.22 -21.48
C LEU A 219 5.44 12.44 -20.43
N ALA A 220 5.82 13.07 -19.32
CA ALA A 220 4.89 13.35 -18.23
C ALA A 220 3.65 14.06 -18.75
N ALA A 221 3.87 15.13 -19.50
CA ALA A 221 2.77 15.91 -20.06
C ALA A 221 1.91 15.03 -20.95
N ALA A 222 2.55 14.12 -21.68
CA ALA A 222 1.82 13.23 -22.57
C ALA A 222 0.82 12.42 -21.78
N VAL A 223 1.25 11.91 -20.63
CA VAL A 223 0.40 11.11 -19.77
C VAL A 223 -0.82 11.91 -19.36
N LEU A 224 -0.60 13.18 -19.02
CA LEU A 224 -1.69 14.05 -18.61
C LEU A 224 -2.71 14.22 -19.73
N ALA A 225 -2.22 14.37 -20.95
CA ALA A 225 -3.08 14.55 -22.11
C ALA A 225 -3.26 13.24 -22.87
N GLY A 226 -2.97 12.13 -22.20
CA GLY A 226 -3.10 10.83 -22.85
C GLY A 226 -4.52 10.48 -23.21
N ARG A 227 -4.67 9.59 -24.19
CA ARG A 227 -5.99 9.15 -24.65
C ARG A 227 -6.45 7.94 -23.82
N ASP A 228 -5.49 7.12 -23.41
CA ASP A 228 -5.82 5.95 -22.61
C ASP A 228 -5.85 6.27 -21.13
N GLY A 229 -6.81 5.67 -20.43
CA GLY A 229 -6.96 5.89 -19.01
C GLY A 229 -5.81 5.33 -18.20
N GLU A 230 -4.59 5.69 -18.56
CA GLU A 230 -3.42 5.23 -17.82
C GLU A 230 -3.17 6.17 -16.64
N ASP A 231 -3.87 5.94 -15.54
CA ASP A 231 -3.75 6.75 -14.35
C ASP A 231 -2.70 6.23 -13.35
N GLN A 232 -1.77 5.41 -13.86
CA GLN A 232 -0.70 4.85 -13.06
C GLN A 232 0.46 4.57 -14.01
N VAL A 233 1.29 5.60 -14.22
CA VAL A 233 2.42 5.50 -15.13
C VAL A 233 3.74 5.91 -14.50
N ALA A 234 4.84 5.31 -14.98
CA ALA A 234 6.16 5.61 -14.47
C ALA A 234 7.01 6.08 -15.64
N VAL A 235 7.47 7.33 -15.59
CA VAL A 235 8.28 7.87 -16.65
C VAL A 235 9.76 7.63 -16.39
N ARG A 236 10.40 6.95 -17.33
CA ARG A 236 11.82 6.64 -17.24
C ARG A 236 12.50 7.00 -18.56
N ALA A 237 13.82 7.06 -18.57
CA ALA A 237 14.58 7.38 -19.78
C ALA A 237 14.21 6.40 -20.88
N SER A 238 13.95 5.16 -20.47
CA SER A 238 13.57 4.10 -21.37
C SER A 238 12.19 4.39 -21.97
N GLY A 239 11.43 5.24 -21.27
CA GLY A 239 10.09 5.59 -21.73
C GLY A 239 9.08 5.55 -20.59
N ILE A 240 7.80 5.47 -20.92
CA ILE A 240 6.75 5.42 -19.91
C ILE A 240 6.23 4.00 -19.67
N TYR A 241 5.94 3.69 -18.42
CA TYR A 241 5.45 2.36 -18.07
C TYR A 241 4.13 2.43 -17.32
N GLY A 242 3.19 1.56 -17.69
CA GLY A 242 1.91 1.53 -17.03
C GLY A 242 1.82 0.35 -16.08
N ARG A 243 1.38 0.60 -14.85
CA ARG A 243 1.26 -0.43 -13.83
C ARG A 243 0.27 -1.51 -14.25
N ARG A 244 0.63 -2.77 -14.05
CA ARG A 244 -0.24 -3.89 -14.41
C ARG A 244 -0.20 -5.01 -13.38
N VAL A 245 -1.34 -5.66 -13.17
CA VAL A 245 -1.39 -6.79 -12.25
C VAL A 245 -1.45 -8.08 -13.06
N SER A 246 -0.43 -8.92 -12.89
CA SER A 246 -0.35 -10.18 -13.62
C SER A 246 -0.16 -11.37 -12.67
N ARG A 247 -0.84 -12.48 -12.96
CA ARG A 247 -0.73 -13.67 -12.13
C ARG A 247 0.75 -13.96 -11.92
N ALA A 248 1.13 -14.28 -10.69
CA ALA A 248 2.52 -14.57 -10.40
C ALA A 248 2.80 -16.05 -10.66
N ALA A 249 4.07 -16.40 -10.71
CA ALA A 249 4.46 -17.78 -10.95
C ALA A 249 3.81 -18.72 -9.94
N ALA A 250 4.13 -20.01 -10.01
CA ALA A 250 3.55 -20.98 -9.07
C ALA A 250 4.48 -21.18 -7.90
N ALA A 251 3.93 -21.64 -6.79
CA ALA A 251 4.70 -21.90 -5.58
C ALA A 251 5.07 -23.38 -5.57
N GLY A 252 4.20 -24.19 -6.16
CA GLY A 252 4.44 -25.61 -6.23
C GLY A 252 4.67 -26.27 -4.88
N ALA A 253 5.66 -27.15 -4.83
CA ALA A 253 5.99 -27.88 -3.60
C ALA A 253 6.80 -27.03 -2.64
N ALA A 254 7.17 -25.83 -3.09
CA ALA A 254 7.96 -24.94 -2.25
C ALA A 254 7.23 -24.63 -0.95
N SER A 255 7.96 -24.66 0.16
CA SER A 255 7.37 -24.37 1.45
C SER A 255 8.44 -23.90 2.42
N TRP A 256 8.03 -23.50 3.61
CA TRP A 256 8.97 -23.01 4.60
C TRP A 256 8.73 -23.76 5.91
N GLN A 257 9.79 -24.02 6.66
CA GLN A 257 9.67 -24.71 7.94
C GLN A 257 10.24 -23.87 9.07
N PRO A 258 9.43 -23.56 10.09
CA PRO A 258 9.83 -22.76 11.24
C PRO A 258 10.88 -23.45 12.11
N SER A 259 11.75 -22.65 12.73
CA SER A 259 12.81 -23.16 13.62
C SER A 259 13.29 -22.02 14.53
N GLY A 260 13.91 -22.34 15.66
CA GLY A 260 14.37 -21.29 16.56
C GLY A 260 13.26 -20.44 17.16
N THR A 261 13.56 -19.17 17.42
CA THR A 261 12.58 -18.25 18.00
C THR A 261 11.79 -17.53 16.92
N VAL A 262 10.47 -17.54 17.03
CA VAL A 262 9.62 -16.87 16.05
C VAL A 262 8.85 -15.75 16.76
N LEU A 263 9.03 -14.53 16.27
CA LEU A 263 8.36 -13.36 16.81
C LEU A 263 7.12 -13.09 15.97
N ILE A 264 5.96 -12.97 16.63
CA ILE A 264 4.71 -12.71 15.93
C ILE A 264 3.96 -11.53 16.54
N THR A 265 3.86 -10.42 15.80
CA THR A 265 3.12 -9.29 16.36
C THR A 265 1.63 -9.52 16.06
N GLY A 266 0.76 -8.87 16.83
CA GLY A 266 -0.67 -9.07 16.64
C GLY A 266 -0.97 -10.55 16.82
N GLY A 267 -0.27 -11.18 17.75
CA GLY A 267 -0.47 -12.61 18.00
C GLY A 267 -1.80 -13.00 18.64
N MET A 268 -2.56 -12.05 19.19
CA MET A 268 -3.82 -12.41 19.80
C MET A 268 -4.98 -12.06 18.83
N GLY A 269 -4.64 -11.83 17.57
CA GLY A 269 -5.62 -11.52 16.53
C GLY A 269 -6.01 -12.81 15.81
N ALA A 270 -7.01 -12.75 14.94
CA ALA A 270 -7.47 -13.95 14.23
C ALA A 270 -6.36 -14.63 13.44
N ILE A 271 -5.58 -13.84 12.72
CA ILE A 271 -4.48 -14.37 11.95
C ILE A 271 -3.37 -14.81 12.93
N GLY A 272 -2.98 -13.91 13.82
CA GLY A 272 -1.95 -14.22 14.80
C GLY A 272 -2.08 -15.58 15.47
N ARG A 273 -3.22 -15.84 16.12
CA ARG A 273 -3.43 -17.12 16.79
C ARG A 273 -3.23 -18.29 15.83
N ARG A 274 -3.87 -18.23 14.67
CA ARG A 274 -3.78 -19.26 13.65
C ARG A 274 -2.34 -19.51 13.19
N LEU A 275 -1.62 -18.43 12.98
CA LEU A 275 -0.23 -18.50 12.54
C LEU A 275 0.56 -19.22 13.62
N ALA A 276 0.35 -18.79 14.86
CA ALA A 276 1.06 -19.39 15.97
C ALA A 276 0.83 -20.90 16.08
N ARG A 277 -0.43 -21.34 16.13
CA ARG A 277 -0.70 -22.77 16.22
C ARG A 277 -0.03 -23.57 15.11
N ARG A 278 0.00 -23.01 13.91
CA ARG A 278 0.61 -23.70 12.77
C ARG A 278 2.13 -23.78 12.88
N LEU A 279 2.75 -22.68 13.31
CA LEU A 279 4.20 -22.63 13.46
C LEU A 279 4.66 -23.55 14.58
N ALA A 280 4.04 -23.38 15.75
CA ALA A 280 4.36 -24.19 16.92
C ALA A 280 4.20 -25.67 16.63
N ALA A 281 3.18 -25.99 15.84
CA ALA A 281 2.90 -27.36 15.48
C ALA A 281 3.83 -27.89 14.41
N GLU A 282 4.59 -27.00 13.77
CA GLU A 282 5.48 -27.48 12.71
C GLU A 282 6.96 -27.30 12.92
N GLY A 283 7.41 -27.23 14.18
CA GLY A 283 8.83 -27.10 14.40
C GLY A 283 9.34 -25.85 15.08
N ALA A 284 8.45 -24.95 15.46
CA ALA A 284 8.92 -23.75 16.13
C ALA A 284 9.45 -24.18 17.50
N GLU A 285 10.60 -23.62 17.87
CA GLU A 285 11.24 -23.92 19.15
C GLU A 285 10.77 -22.92 20.20
N ARG A 286 10.48 -21.71 19.76
CA ARG A 286 10.01 -20.68 20.67
C ARG A 286 9.15 -19.67 19.92
N LEU A 287 8.04 -19.30 20.53
CA LEU A 287 7.16 -18.32 19.97
C LEU A 287 7.09 -17.18 20.96
N VAL A 288 7.16 -15.97 20.43
CA VAL A 288 7.08 -14.76 21.24
C VAL A 288 5.94 -13.98 20.62
N LEU A 289 4.85 -13.83 21.36
CA LEU A 289 3.67 -13.14 20.87
C LEU A 289 3.47 -11.80 21.53
N THR A 290 3.21 -10.78 20.72
CA THR A 290 2.98 -9.46 21.30
C THR A 290 1.55 -9.09 21.04
N SER A 291 0.97 -8.34 21.97
CA SER A 291 -0.40 -7.88 21.85
C SER A 291 -0.63 -6.65 22.72
N ARG A 292 -1.71 -5.92 22.43
CA ARG A 292 -2.08 -4.71 23.13
C ARG A 292 -2.25 -4.88 24.64
N ARG A 293 -2.87 -5.97 25.06
CA ARG A 293 -3.11 -6.25 26.47
C ARG A 293 -2.07 -7.21 27.04
N GLY A 294 -1.31 -7.86 26.16
CA GLY A 294 -0.30 -8.79 26.64
C GLY A 294 -0.94 -10.06 27.17
N PRO A 295 -0.27 -10.78 28.10
CA PRO A 295 -0.78 -12.02 28.67
C PRO A 295 -2.12 -11.89 29.42
N GLU A 296 -2.58 -10.66 29.61
CA GLU A 296 -3.86 -10.47 30.29
C GLU A 296 -4.98 -10.51 29.25
N ALA A 297 -4.60 -10.67 27.97
CA ALA A 297 -5.57 -10.72 26.88
C ALA A 297 -6.51 -11.93 26.98
N PRO A 298 -7.70 -11.83 26.38
CA PRO A 298 -8.65 -12.95 26.46
C PRO A 298 -8.22 -14.30 25.88
N GLY A 299 -8.17 -15.29 26.75
CA GLY A 299 -7.77 -16.63 26.37
C GLY A 299 -6.27 -16.69 26.11
N ALA A 300 -5.55 -15.67 26.59
CA ALA A 300 -4.10 -15.57 26.41
C ALA A 300 -3.45 -16.79 27.03
N ALA A 301 -3.76 -17.00 28.32
CA ALA A 301 -3.23 -18.11 29.09
C ALA A 301 -3.59 -19.45 28.48
N GLU A 302 -4.85 -19.58 28.09
CA GLU A 302 -5.34 -20.82 27.48
C GLU A 302 -4.60 -21.12 26.18
N LEU A 303 -4.48 -20.12 25.32
CA LEU A 303 -3.77 -20.27 24.05
C LEU A 303 -2.31 -20.72 24.22
N ALA A 304 -1.58 -20.06 25.11
CA ALA A 304 -0.16 -20.38 25.34
C ALA A 304 0.04 -21.81 25.82
N GLU A 305 -0.84 -22.28 26.72
CA GLU A 305 -0.76 -23.64 27.21
C GLU A 305 -0.91 -24.66 26.08
N GLU A 306 -1.87 -24.44 25.19
CA GLU A 306 -2.05 -25.38 24.09
C GLU A 306 -0.86 -25.31 23.14
N LEU A 307 -0.28 -24.12 22.99
CA LEU A 307 0.88 -23.94 22.11
C LEU A 307 2.13 -24.66 22.65
N ARG A 308 2.31 -24.66 23.97
CA ARG A 308 3.46 -25.32 24.58
C ARG A 308 3.28 -26.83 24.47
N GLY A 309 2.03 -27.26 24.32
CA GLY A 309 1.74 -28.67 24.18
C GLY A 309 2.35 -29.24 22.92
N HIS A 310 2.67 -28.37 21.97
CA HIS A 310 3.27 -28.82 20.72
C HIS A 310 4.77 -28.99 20.93
N GLY A 311 5.25 -28.63 22.12
CA GLY A 311 6.65 -28.76 22.44
C GLY A 311 7.33 -27.41 22.39
N CYS A 312 6.69 -26.47 21.71
CA CYS A 312 7.21 -25.11 21.54
C CYS A 312 7.16 -24.27 22.82
N GLU A 313 8.22 -23.51 23.08
CA GLU A 313 8.24 -22.61 24.23
C GLU A 313 7.56 -21.28 23.92
N VAL A 314 6.65 -20.86 24.79
CA VAL A 314 5.86 -19.65 24.53
C VAL A 314 5.88 -18.52 25.50
N VAL A 315 6.16 -17.33 24.98
CA VAL A 315 6.21 -16.15 25.81
C VAL A 315 5.27 -15.07 25.25
N HIS A 316 4.55 -14.37 26.13
CA HIS A 316 3.62 -13.34 25.69
C HIS A 316 3.89 -11.97 26.37
N ALA A 317 4.00 -10.92 25.56
CA ALA A 317 4.25 -9.59 26.09
C ALA A 317 3.36 -8.50 25.49
N ALA A 318 3.12 -7.45 26.26
CA ALA A 318 2.30 -6.33 25.81
C ALA A 318 3.17 -5.33 25.05
N CYS A 319 2.53 -4.53 24.21
CA CYS A 319 3.25 -3.53 23.43
C CYS A 319 2.31 -2.72 22.53
N ASP A 320 2.72 -1.51 22.20
CA ASP A 320 1.92 -0.66 21.33
C ASP A 320 2.45 -0.82 19.91
N VAL A 321 3.26 -1.87 19.73
CA VAL A 321 3.87 -2.20 18.45
C VAL A 321 4.81 -1.10 17.95
N ALA A 322 4.39 0.15 18.11
CA ALA A 322 5.18 1.31 17.68
C ALA A 322 6.04 1.85 18.83
N GLU A 323 5.94 1.21 19.99
CA GLU A 323 6.69 1.62 21.17
C GLU A 323 8.11 1.04 21.05
N ARG A 324 9.11 1.92 21.06
CA ARG A 324 10.50 1.50 20.94
C ARG A 324 11.01 0.53 22.00
N ASP A 325 11.07 1.04 23.23
CA ASP A 325 11.54 0.27 24.39
C ASP A 325 10.93 -1.13 24.48
N ALA A 326 9.62 -1.23 24.32
CA ALA A 326 8.92 -2.52 24.41
C ALA A 326 9.38 -3.55 23.37
N LEU A 327 9.48 -3.14 22.10
CA LEU A 327 9.94 -4.07 21.07
C LEU A 327 11.42 -4.36 21.21
N ALA A 328 12.24 -3.32 21.39
CA ALA A 328 13.68 -3.53 21.55
C ALA A 328 13.96 -4.54 22.65
N ALA A 329 13.42 -4.29 23.83
CA ALA A 329 13.58 -5.19 24.97
C ALA A 329 13.25 -6.63 24.65
N LEU A 330 12.27 -6.83 23.77
CA LEU A 330 11.82 -8.17 23.40
C LEU A 330 12.77 -8.89 22.47
N VAL A 331 13.26 -8.19 21.45
CA VAL A 331 14.19 -8.84 20.53
C VAL A 331 15.54 -8.97 21.25
N THR A 332 15.76 -8.18 22.30
CA THR A 332 17.01 -8.31 23.04
C THR A 332 16.94 -9.64 23.79
N ALA A 333 15.92 -9.84 24.62
CA ALA A 333 15.77 -11.08 25.38
C ALA A 333 15.60 -12.34 24.52
N TYR A 334 14.92 -12.21 23.38
CA TYR A 334 14.66 -13.34 22.51
C TYR A 334 14.99 -13.05 21.07
N PRO A 335 16.28 -13.10 20.72
CA PRO A 335 16.69 -12.85 19.33
C PRO A 335 15.91 -13.76 18.40
N PRO A 336 15.16 -13.17 17.46
CA PRO A 336 14.37 -13.96 16.52
C PRO A 336 15.04 -14.42 15.23
N ASN A 337 14.65 -15.62 14.79
CA ASN A 337 15.16 -16.18 13.55
C ASN A 337 14.14 -15.87 12.46
N ALA A 338 12.93 -15.55 12.90
CA ALA A 338 11.84 -15.20 11.99
C ALA A 338 10.88 -14.23 12.69
N VAL A 339 10.44 -13.22 11.95
CA VAL A 339 9.50 -12.21 12.45
C VAL A 339 8.25 -12.19 11.57
N PHE A 340 7.07 -12.21 12.19
CA PHE A 340 5.80 -12.15 11.44
C PHE A 340 4.99 -10.97 11.99
N HIS A 341 4.79 -9.97 11.16
CA HIS A 341 4.06 -8.77 11.55
C HIS A 341 2.60 -8.81 11.10
N THR A 342 1.70 -9.20 12.02
CA THR A 342 0.28 -9.25 11.65
C THR A 342 -0.48 -8.10 12.31
N ALA A 343 0.19 -7.31 13.16
CA ALA A 343 -0.48 -6.20 13.85
C ALA A 343 -1.07 -5.14 12.91
N GLY A 344 -2.17 -4.54 13.36
CA GLY A 344 -2.82 -3.52 12.57
C GLY A 344 -4.24 -3.32 13.04
N ILE A 345 -4.93 -2.33 12.47
CA ILE A 345 -6.30 -2.04 12.86
C ILE A 345 -7.26 -1.94 11.69
N LEU A 346 -8.53 -2.22 11.96
CA LEU A 346 -9.55 -2.14 10.93
C LEU A 346 -9.78 -0.68 10.55
N ASP A 347 -9.75 -0.43 9.25
CA ASP A 347 -9.97 0.91 8.71
C ASP A 347 -11.09 0.97 7.68
N ASP A 348 -12.00 1.90 7.88
CA ASP A 348 -13.09 2.09 6.93
C ASP A 348 -13.66 3.50 7.05
N ALA A 349 -12.99 4.42 6.36
CA ALA A 349 -13.38 5.83 6.32
C ALA A 349 -13.10 6.40 4.93
N VAL A 350 -14.15 6.90 4.27
CA VAL A 350 -14.01 7.49 2.95
C VAL A 350 -13.17 8.75 3.05
N ILE A 351 -12.63 9.14 1.91
CA ILE A 351 -11.78 10.33 1.80
C ILE A 351 -12.40 11.61 2.35
N ASP A 352 -13.68 11.81 2.08
CA ASP A 352 -14.35 13.01 2.55
C ASP A 352 -14.39 13.08 4.06
N THR A 353 -14.30 11.93 4.71
CA THR A 353 -14.34 11.88 6.17
C THR A 353 -13.04 11.40 6.79
N LEU A 354 -11.98 11.27 5.98
CA LEU A 354 -10.70 10.81 6.47
C LEU A 354 -10.01 11.91 7.28
N SER A 355 -10.04 11.77 8.61
CA SER A 355 -9.43 12.75 9.47
C SER A 355 -7.93 12.46 9.69
N PRO A 356 -7.14 13.50 9.97
CA PRO A 356 -5.71 13.25 10.17
C PRO A 356 -5.42 12.24 11.28
N GLU A 357 -6.21 12.28 12.35
CA GLU A 357 -6.05 11.35 13.46
C GLU A 357 -6.24 9.90 13.00
N SER A 358 -7.28 9.65 12.20
CA SER A 358 -7.54 8.29 11.73
C SER A 358 -6.38 7.73 10.89
N PHE A 359 -5.78 8.60 10.08
CA PHE A 359 -4.65 8.19 9.23
C PHE A 359 -3.47 7.75 10.09
N GLU A 360 -3.32 8.40 11.24
CA GLU A 360 -2.22 8.04 12.13
C GLU A 360 -2.54 6.78 12.88
N THR A 361 -3.78 6.67 13.32
CA THR A 361 -4.19 5.50 14.08
C THR A 361 -4.02 4.25 13.21
N VAL A 362 -4.27 4.39 11.92
CA VAL A 362 -4.16 3.26 11.02
C VAL A 362 -2.73 2.86 10.71
N ARG A 363 -1.85 3.85 10.53
CA ARG A 363 -0.47 3.50 10.22
C ARG A 363 0.37 3.15 11.44
N GLY A 364 -0.03 3.67 12.60
CA GLY A 364 0.72 3.39 13.83
C GLY A 364 1.19 1.95 13.99
N ALA A 365 0.25 1.04 14.20
CA ALA A 365 0.60 -0.37 14.40
C ALA A 365 1.20 -1.04 13.17
N LYS A 366 0.64 -0.71 12.01
CA LYS A 366 1.10 -1.29 10.76
C LYS A 366 2.46 -0.74 10.32
N VAL A 367 2.48 0.50 9.86
CA VAL A 367 3.73 1.09 9.38
C VAL A 367 4.82 1.23 10.45
N CYS A 368 4.52 1.95 11.52
CA CYS A 368 5.48 2.15 12.59
C CYS A 368 6.02 0.81 13.13
N GLY A 369 5.14 -0.17 13.28
CA GLY A 369 5.55 -1.47 13.79
C GLY A 369 6.62 -2.15 12.94
N ALA A 370 6.35 -2.25 11.64
CA ALA A 370 7.26 -2.88 10.69
C ALA A 370 8.57 -2.12 10.57
N GLU A 371 8.50 -0.79 10.64
CA GLU A 371 9.70 0.02 10.51
C GLU A 371 10.61 -0.15 11.74
N LEU A 372 10.01 -0.31 12.93
CA LEU A 372 10.79 -0.51 14.14
C LEU A 372 11.42 -1.89 14.15
N LEU A 373 10.70 -2.90 13.66
CA LEU A 373 11.22 -4.26 13.61
C LEU A 373 12.38 -4.28 12.63
N HIS A 374 12.26 -3.46 11.60
CA HIS A 374 13.29 -3.35 10.56
C HIS A 374 14.61 -2.84 11.18
N GLN A 375 14.51 -1.85 12.06
CA GLN A 375 15.68 -1.24 12.69
C GLN A 375 16.24 -1.99 13.91
N LEU A 376 15.36 -2.59 14.69
CA LEU A 376 15.79 -3.34 15.87
C LEU A 376 16.42 -4.67 15.49
N THR A 377 16.29 -5.09 14.24
CA THR A 377 16.88 -6.35 13.78
C THR A 377 17.96 -6.11 12.72
N ALA A 378 18.71 -5.03 12.88
CA ALA A 378 19.79 -4.69 11.96
C ALA A 378 21.09 -5.42 12.29
N ASP A 379 21.25 -5.80 13.56
CA ASP A 379 22.44 -6.53 13.99
C ASP A 379 22.14 -8.00 14.31
N ILE A 380 20.89 -8.41 14.12
CA ILE A 380 20.52 -9.79 14.38
C ILE A 380 20.82 -10.60 13.13
N LYS A 381 21.95 -11.30 13.13
CA LYS A 381 22.34 -12.11 11.98
C LYS A 381 21.53 -13.39 11.86
N GLY A 382 21.02 -13.87 12.99
CA GLY A 382 20.23 -15.09 12.99
C GLY A 382 18.90 -14.96 12.27
N LEU A 383 18.44 -13.73 12.08
CA LEU A 383 17.17 -13.47 11.41
C LEU A 383 17.20 -13.90 9.94
N ASP A 384 16.34 -14.84 9.55
CA ASP A 384 16.33 -15.28 8.17
C ASP A 384 14.92 -15.18 7.60
N ALA A 385 14.03 -14.52 8.32
CA ALA A 385 12.65 -14.37 7.85
C ALA A 385 12.02 -13.12 8.43
N PHE A 386 11.51 -12.28 7.54
CA PHE A 386 10.87 -11.02 7.89
C PHE A 386 9.58 -10.97 7.05
N VAL A 387 8.47 -11.38 7.64
CA VAL A 387 7.21 -11.42 6.94
C VAL A 387 6.23 -10.32 7.32
N LEU A 388 5.80 -9.57 6.32
CA LEU A 388 4.85 -8.49 6.57
C LEU A 388 3.52 -8.86 5.94
N PHE A 389 2.46 -8.70 6.72
CA PHE A 389 1.10 -8.99 6.27
C PHE A 389 0.49 -7.71 5.73
N SER A 390 0.49 -7.60 4.41
CA SER A 390 -0.06 -6.45 3.74
C SER A 390 -1.52 -6.78 3.38
N SER A 391 -2.10 -5.93 2.56
CA SER A 391 -3.48 -6.06 2.11
C SER A 391 -3.54 -5.69 0.62
N VAL A 392 -4.46 -6.32 -0.11
CA VAL A 392 -4.62 -6.06 -1.54
C VAL A 392 -5.12 -4.62 -1.72
N THR A 393 -5.63 -4.03 -0.64
CA THR A 393 -6.12 -2.67 -0.68
C THR A 393 -5.00 -1.70 -1.05
N GLY A 394 -3.78 -2.05 -0.65
CA GLY A 394 -2.64 -1.21 -0.94
C GLY A 394 -1.93 -1.57 -2.23
N THR A 395 -2.46 -2.53 -2.98
CA THR A 395 -1.82 -2.93 -4.25
C THR A 395 -2.78 -2.75 -5.43
N TRP A 396 -4.07 -3.03 -5.22
CA TRP A 396 -5.05 -2.86 -6.28
C TRP A 396 -5.89 -1.63 -6.02
N GLY A 397 -6.26 -1.42 -4.76
CA GLY A 397 -7.08 -0.28 -4.42
C GLY A 397 -8.44 -0.74 -3.98
N ASN A 398 -9.10 0.07 -3.16
CA ASN A 398 -10.43 -0.24 -2.63
C ASN A 398 -11.00 0.95 -1.88
N ALA A 399 -12.19 1.38 -2.29
CA ALA A 399 -12.86 2.52 -1.68
C ALA A 399 -13.06 2.45 -0.16
N GLY A 400 -13.06 3.61 0.49
CA GLY A 400 -13.25 3.67 1.92
C GLY A 400 -12.05 3.28 2.75
N GLN A 401 -10.97 2.84 2.12
CA GLN A 401 -9.78 2.44 2.89
C GLN A 401 -8.49 3.13 2.40
N GLY A 402 -8.55 4.43 2.23
CA GLY A 402 -7.40 5.19 1.76
C GLY A 402 -6.24 5.18 2.74
N ALA A 403 -6.54 5.28 4.03
CA ALA A 403 -5.48 5.31 5.02
C ALA A 403 -4.89 3.93 5.14
N TYR A 404 -5.73 2.92 4.98
CA TYR A 404 -5.28 1.54 5.07
C TYR A 404 -4.40 1.16 3.86
N ALA A 405 -4.76 1.70 2.70
CA ALA A 405 -3.98 1.42 1.48
C ALA A 405 -2.63 2.11 1.51
N ALA A 406 -2.58 3.30 2.10
CA ALA A 406 -1.31 3.99 2.18
C ALA A 406 -0.38 3.15 3.06
N ALA A 407 -0.88 2.74 4.21
CA ALA A 407 -0.10 1.95 5.17
C ALA A 407 0.41 0.62 4.62
N ASN A 408 -0.47 -0.14 3.98
CA ASN A 408 -0.08 -1.40 3.40
C ASN A 408 0.89 -1.17 2.24
N ALA A 409 0.65 -0.15 1.43
CA ALA A 409 1.58 0.16 0.34
C ALA A 409 2.99 0.33 0.94
N ALA A 410 3.09 0.97 2.11
CA ALA A 410 4.39 1.18 2.76
C ALA A 410 5.08 -0.09 3.25
N LEU A 411 4.30 -1.08 3.66
CA LEU A 411 4.88 -2.33 4.12
C LEU A 411 5.60 -2.98 2.93
N ASP A 412 4.96 -2.92 1.77
CA ASP A 412 5.53 -3.50 0.55
C ASP A 412 6.87 -2.84 0.16
N ALA A 413 6.91 -1.51 0.17
CA ALA A 413 8.14 -0.80 -0.20
C ALA A 413 9.29 -1.18 0.73
N LEU A 414 8.97 -1.34 2.02
CA LEU A 414 9.95 -1.71 3.02
C LEU A 414 10.52 -3.08 2.66
N ALA A 415 9.66 -3.96 2.16
CA ALA A 415 10.10 -5.30 1.78
C ALA A 415 11.13 -5.16 0.66
N GLU A 416 10.76 -4.41 -0.37
CA GLU A 416 11.62 -4.17 -1.53
C GLU A 416 12.95 -3.56 -1.11
N ARG A 417 12.89 -2.49 -0.32
CA ARG A 417 14.11 -1.86 0.12
C ARG A 417 14.99 -2.80 0.94
N ARG A 418 14.38 -3.66 1.74
CA ARG A 418 15.13 -4.59 2.57
C ARG A 418 15.90 -5.63 1.76
N ARG A 419 15.20 -6.32 0.88
CA ARG A 419 15.81 -7.35 0.07
C ARG A 419 16.95 -6.78 -0.77
N ALA A 420 16.66 -5.73 -1.55
CA ALA A 420 17.67 -5.11 -2.38
C ALA A 420 18.86 -4.63 -1.56
N ALA A 421 18.72 -4.67 -0.24
CA ALA A 421 19.79 -4.25 0.66
C ALA A 421 20.46 -5.46 1.32
N GLY A 422 20.08 -6.66 0.88
CA GLY A 422 20.67 -7.86 1.45
C GLY A 422 20.05 -8.29 2.77
N LEU A 423 18.86 -7.79 3.06
CA LEU A 423 18.17 -8.15 4.29
C LEU A 423 16.93 -8.98 3.92
N PRO A 424 16.63 -10.02 4.71
CA PRO A 424 15.48 -10.89 4.45
C PRO A 424 14.18 -10.10 4.61
N ALA A 425 13.17 -10.45 3.83
CA ALA A 425 11.88 -9.78 3.89
C ALA A 425 10.93 -10.32 2.83
N THR A 426 9.66 -10.43 3.20
CA THR A 426 8.60 -10.92 2.31
C THR A 426 7.33 -10.15 2.66
N SER A 427 6.63 -9.62 1.66
CA SER A 427 5.39 -8.86 1.89
C SER A 427 4.25 -9.42 1.08
N VAL A 428 3.21 -9.91 1.76
CA VAL A 428 2.06 -10.49 1.07
C VAL A 428 0.82 -9.63 1.19
N ALA A 429 0.27 -9.23 0.05
CA ALA A 429 -0.92 -8.40 -0.01
C ALA A 429 -2.14 -9.32 0.00
N TRP A 430 -2.63 -9.62 1.20
CA TRP A 430 -3.76 -10.53 1.36
C TRP A 430 -5.08 -10.00 0.85
N GLY A 431 -5.99 -10.94 0.59
CA GLY A 431 -7.32 -10.61 0.15
C GLY A 431 -8.15 -10.86 1.39
N LEU A 432 -9.44 -11.15 1.22
CA LEU A 432 -10.32 -11.42 2.35
C LEU A 432 -9.95 -12.71 3.06
N TRP A 433 -9.86 -12.66 4.38
CA TRP A 433 -9.51 -13.83 5.19
C TRP A 433 -10.70 -14.63 5.71
N GLY A 434 -10.72 -15.92 5.39
CA GLY A 434 -11.75 -16.81 5.89
C GLY A 434 -11.92 -16.71 7.40
N GLY A 435 -13.02 -17.26 7.90
CA GLY A 435 -12.99 -18.05 9.12
C GLY A 435 -13.48 -17.26 10.32
N GLY A 436 -13.50 -17.92 11.48
CA GLY A 436 -13.76 -17.23 12.73
C GLY A 436 -12.83 -16.06 12.96
N GLY A 437 -13.27 -15.12 13.79
CA GLY A 437 -12.39 -14.08 14.30
C GLY A 437 -12.41 -12.83 13.44
N MET A 438 -12.44 -13.02 12.12
CA MET A 438 -12.01 -11.99 11.19
C MET A 438 -13.08 -10.92 11.04
N ALA A 439 -12.88 -9.79 11.72
CA ALA A 439 -13.85 -8.69 11.69
C ALA A 439 -13.85 -7.97 10.34
N ALA A 440 -15.03 -7.77 9.76
CA ALA A 440 -15.12 -7.10 8.47
C ALA A 440 -15.97 -5.84 8.57
N GLY A 441 -15.55 -4.80 7.85
CA GLY A 441 -16.28 -3.55 7.86
C GLY A 441 -16.71 -3.15 6.47
N ALA A 442 -16.97 -1.85 6.29
CA ALA A 442 -17.39 -1.36 4.99
C ALA A 442 -16.39 -1.76 3.90
N GLY A 443 -15.10 -1.69 4.22
CA GLY A 443 -14.08 -2.05 3.23
C GLY A 443 -14.13 -3.50 2.74
N GLU A 444 -14.21 -4.44 3.67
CA GLU A 444 -14.26 -5.85 3.30
C GLU A 444 -15.57 -6.08 2.55
N GLU A 445 -16.63 -5.41 3.01
CA GLU A 445 -17.95 -5.51 2.39
C GLU A 445 -17.90 -5.08 0.93
N SER A 446 -17.09 -4.08 0.62
CA SER A 446 -16.98 -3.61 -0.76
C SER A 446 -16.23 -4.61 -1.63
N LEU A 447 -15.12 -5.13 -1.10
CA LEU A 447 -14.32 -6.10 -1.83
C LEU A 447 -15.13 -7.36 -2.10
N SER A 448 -16.00 -7.70 -1.16
CA SER A 448 -16.82 -8.89 -1.27
C SER A 448 -17.72 -8.81 -2.50
N ARG A 449 -18.52 -7.76 -2.59
CA ARG A 449 -19.44 -7.59 -3.71
C ARG A 449 -18.70 -7.49 -5.04
N ARG A 450 -17.55 -6.84 -5.03
CA ARG A 450 -16.77 -6.70 -6.25
C ARG A 450 -16.29 -8.06 -6.78
N GLY A 451 -16.37 -9.10 -5.95
CA GLY A 451 -15.94 -10.41 -6.40
C GLY A 451 -14.87 -11.15 -5.60
N LEU A 452 -14.40 -10.59 -4.49
CA LEU A 452 -13.39 -11.29 -3.69
C LEU A 452 -14.06 -12.32 -2.81
N ARG A 453 -13.39 -13.46 -2.65
CA ARG A 453 -13.92 -14.54 -1.83
C ARG A 453 -13.02 -14.75 -0.62
N ALA A 454 -13.62 -15.09 0.51
CA ALA A 454 -12.86 -15.32 1.74
C ALA A 454 -11.98 -16.56 1.62
N MET A 455 -10.66 -16.37 1.63
CA MET A 455 -9.73 -17.48 1.51
C MET A 455 -9.75 -18.34 2.77
N ASP A 456 -9.57 -19.65 2.62
CA ASP A 456 -9.57 -20.52 3.80
C ASP A 456 -8.33 -20.23 4.62
N PRO A 457 -8.52 -19.97 5.91
CA PRO A 457 -7.41 -19.66 6.83
C PRO A 457 -6.18 -20.52 6.60
N ASP A 458 -6.36 -21.83 6.66
CA ASP A 458 -5.29 -22.80 6.47
C ASP A 458 -4.69 -22.73 5.08
N ALA A 459 -5.55 -22.65 4.08
CA ALA A 459 -5.09 -22.57 2.70
C ALA A 459 -4.24 -21.29 2.62
N ALA A 460 -4.75 -20.21 3.20
CA ALA A 460 -4.05 -18.92 3.19
C ALA A 460 -2.65 -19.10 3.79
N VAL A 461 -2.57 -19.83 4.90
CA VAL A 461 -1.29 -20.08 5.55
C VAL A 461 -0.37 -20.89 4.64
N ASP A 462 -0.94 -21.86 3.91
CA ASP A 462 -0.13 -22.66 2.99
C ASP A 462 0.46 -21.74 1.93
N ALA A 463 -0.37 -20.83 1.42
CA ALA A 463 0.06 -19.88 0.41
C ALA A 463 1.22 -19.06 0.95
N LEU A 464 1.18 -18.76 2.24
CA LEU A 464 2.23 -17.99 2.88
C LEU A 464 3.51 -18.81 2.86
N LEU A 465 3.43 -20.03 3.40
CA LEU A 465 4.57 -20.93 3.42
C LEU A 465 5.08 -21.17 2.01
N GLY A 466 4.15 -21.23 1.06
CA GLY A 466 4.53 -21.43 -0.34
C GLY A 466 5.27 -20.24 -0.90
N ALA A 467 4.77 -19.05 -0.60
CA ALA A 467 5.38 -17.83 -1.06
C ALA A 467 6.75 -17.69 -0.44
N MET A 468 6.85 -18.04 0.85
CA MET A 468 8.10 -17.96 1.58
C MET A 468 9.13 -18.93 1.01
N GLY A 469 8.64 -20.01 0.42
CA GLY A 469 9.53 -20.99 -0.18
C GLY A 469 10.17 -20.37 -1.42
N ARG A 470 9.35 -19.78 -2.29
CA ARG A 470 9.83 -19.16 -3.52
C ARG A 470 10.75 -18.00 -3.19
N ASN A 471 10.69 -17.55 -1.95
CA ASN A 471 11.45 -16.42 -1.43
C ASN A 471 10.96 -15.14 -2.09
N ASP A 472 9.65 -15.00 -2.22
CA ASP A 472 9.07 -13.81 -2.83
C ASP A 472 9.42 -12.55 -2.05
N VAL A 473 9.35 -11.41 -2.74
CA VAL A 473 9.59 -10.10 -2.15
C VAL A 473 8.19 -9.53 -1.90
N CYS A 474 7.41 -9.44 -2.97
CA CYS A 474 6.03 -8.95 -2.85
C CYS A 474 5.16 -9.79 -3.76
N VAL A 475 4.03 -10.22 -3.23
CA VAL A 475 3.11 -11.02 -4.00
C VAL A 475 1.74 -10.77 -3.44
N THR A 476 0.74 -10.86 -4.32
CA THR A 476 -0.64 -10.68 -3.92
C THR A 476 -1.29 -12.05 -3.92
N VAL A 477 -1.76 -12.47 -2.76
CA VAL A 477 -2.42 -13.76 -2.65
C VAL A 477 -3.88 -13.46 -2.40
N VAL A 478 -4.70 -13.55 -3.44
CA VAL A 478 -6.12 -13.28 -3.28
C VAL A 478 -6.99 -14.22 -4.10
N ASP A 479 -8.17 -14.52 -3.58
CA ASP A 479 -9.11 -15.38 -4.28
C ASP A 479 -10.21 -14.46 -4.82
N VAL A 480 -10.27 -14.35 -6.15
CA VAL A 480 -11.23 -13.46 -6.83
C VAL A 480 -12.03 -14.05 -7.98
N ASP A 481 -13.33 -13.73 -8.01
CA ASP A 481 -14.21 -14.16 -9.08
C ASP A 481 -14.13 -13.11 -10.19
N TRP A 482 -13.07 -13.19 -10.98
CA TRP A 482 -12.84 -12.26 -12.08
C TRP A 482 -14.06 -12.01 -12.96
N GLU A 483 -14.93 -13.00 -13.07
CA GLU A 483 -16.14 -12.87 -13.88
C GLU A 483 -17.15 -11.98 -13.16
N ARG A 484 -16.69 -11.30 -12.12
CA ARG A 484 -17.56 -10.43 -11.34
C ARG A 484 -16.80 -9.21 -10.88
N PHE A 485 -15.47 -9.31 -10.89
CA PHE A 485 -14.61 -8.22 -10.45
C PHE A 485 -14.33 -7.25 -11.60
N ALA A 486 -13.80 -7.77 -12.69
CA ALA A 486 -13.47 -6.95 -13.86
C ALA A 486 -14.61 -6.01 -14.25
N PRO A 487 -15.81 -6.55 -14.48
CA PRO A 487 -16.93 -5.69 -14.87
C PRO A 487 -17.32 -4.68 -13.79
N ALA A 488 -17.34 -5.13 -12.54
CA ALA A 488 -17.71 -4.28 -11.41
C ALA A 488 -16.73 -3.12 -11.21
N THR A 489 -15.47 -3.47 -11.06
CA THR A 489 -14.43 -2.48 -10.86
C THR A 489 -14.36 -1.52 -12.03
N ASN A 490 -14.70 -1.99 -13.22
CA ASN A 490 -14.66 -1.14 -14.38
C ASN A 490 -15.85 -0.19 -14.45
N ALA A 491 -16.96 -0.60 -13.84
CA ALA A 491 -18.17 0.23 -13.81
C ALA A 491 -17.93 1.48 -12.96
N ILE A 492 -17.12 1.33 -11.92
CA ILE A 492 -16.79 2.44 -11.02
C ILE A 492 -15.72 3.30 -11.67
N ARG A 493 -14.67 2.65 -12.14
CA ARG A 493 -13.55 3.34 -12.77
C ARG A 493 -12.90 2.46 -13.85
N PRO A 494 -12.90 2.93 -15.11
CA PRO A 494 -12.30 2.16 -16.21
C PRO A 494 -10.78 2.29 -16.15
N GLY A 495 -10.07 1.24 -16.57
CA GLY A 495 -8.62 1.28 -16.53
C GLY A 495 -7.92 0.09 -17.15
N ARG A 496 -6.60 0.20 -17.24
CA ARG A 496 -5.76 -0.83 -17.84
C ARG A 496 -5.08 -1.74 -16.80
N LEU A 497 -5.30 -1.45 -15.52
CA LEU A 497 -4.71 -2.20 -14.43
C LEU A 497 -4.85 -3.72 -14.47
N PHE A 498 -6.08 -4.20 -14.62
CA PHE A 498 -6.33 -5.63 -14.66
C PHE A 498 -6.40 -6.24 -16.05
N ASP A 499 -6.05 -5.49 -17.09
CA ASP A 499 -6.10 -6.05 -18.43
C ASP A 499 -5.14 -7.23 -18.57
N THR A 500 -4.04 -7.20 -17.83
CA THR A 500 -3.05 -8.27 -17.89
C THR A 500 -3.52 -9.57 -17.22
N VAL A 501 -4.81 -9.62 -16.87
CA VAL A 501 -5.36 -10.83 -16.26
C VAL A 501 -6.38 -11.43 -17.22
N PRO A 502 -6.11 -12.66 -17.69
CA PRO A 502 -6.98 -13.38 -18.61
C PRO A 502 -8.46 -13.35 -18.28
N GLU A 503 -8.80 -13.90 -17.11
CA GLU A 503 -10.17 -13.97 -16.64
C GLU A 503 -10.82 -12.60 -16.53
N ALA A 504 -10.00 -11.57 -16.37
CA ALA A 504 -10.49 -10.22 -16.26
C ALA A 504 -10.91 -9.70 -17.64
N ARG A 505 -9.98 -9.77 -18.60
CA ARG A 505 -10.26 -9.30 -19.95
C ARG A 505 -11.45 -10.02 -20.57
N GLU A 506 -11.87 -11.12 -19.97
CA GLU A 506 -12.99 -11.91 -20.45
C GLU A 506 -14.35 -11.30 -20.10
N ALA A 507 -14.57 -11.07 -18.81
CA ALA A 507 -15.82 -10.50 -18.36
C ALA A 507 -15.97 -9.10 -18.93
N LEU A 508 -14.85 -8.46 -19.22
CA LEU A 508 -14.86 -7.11 -19.77
C LEU A 508 -15.50 -7.08 -21.16
N THR A 509 -16.28 -6.03 -21.41
CA THR A 509 -16.97 -5.86 -22.69
C THR A 509 -16.42 -4.62 -23.40
#